data_3V10
#
_entry.id   3V10
#
_cell.length_a   46.170
_cell.length_b   67.390
_cell.length_c   102.410
_cell.angle_alpha   90.00
_cell.angle_beta   92.82
_cell.angle_gamma   90.00
#
_symmetry.space_group_name_H-M   'P 1 21 1'
#
loop_
_entity.id
_entity.type
_entity.pdbx_description
1 polymer 'Rhusiopathiae surface protein B'
2 water water
#
_entity_poly.entity_id   1
_entity_poly.type   'polypeptide(L)'
_entity_poly.pdbx_seq_one_letter_code
;AKDYTNEAIFTQFDVNPKGLINNPSQPIEFNLAFSDMNNGQKVKFKPGDFFDLTLPSNDEVSLRSLRAMGSKMPVLAKDK
NGKEITLGELTFNGSHIHFEFMEDVLQLENVTGTINLKSVYDNAYRGEDDKIAELPTNLGLGSLDKQMITISQPGTPTGV
EPSPIFYWKTGTFSTEVHGDMNWWLNINSPKEAVQSDVKVIDTIGEGHKLVDGSIMVDVEANGELKHISAEAFNKEYGTI
TVEGQVLTVMIPKEKAAKTTFTVTYDTRAFDKKLENYKNSSTIEYKDESGNLVTDTPKHYTDTSVVNMFDDATIGGEMKD
K
;
_entity_poly.pdbx_strand_id   A,B
#
# COMPACT_ATOMS: atom_id res chain seq x y z
N ALA A 1 6.42 40.43 -23.62
CA ALA A 1 5.00 40.29 -24.04
C ALA A 1 4.06 40.95 -23.05
N LYS A 2 2.95 41.49 -23.54
CA LYS A 2 1.99 42.17 -22.67
C LYS A 2 0.92 41.23 -22.12
N ASP A 3 0.68 41.33 -20.82
CA ASP A 3 -0.30 40.53 -20.11
C ASP A 3 -1.62 41.30 -20.00
N TYR A 4 -2.67 40.77 -20.61
CA TYR A 4 -3.97 41.43 -20.57
C TYR A 4 -4.94 40.92 -19.51
N THR A 5 -4.48 40.06 -18.62
CA THR A 5 -5.33 39.49 -17.59
C THR A 5 -6.19 40.49 -16.81
N ASN A 6 -5.60 41.59 -16.37
CA ASN A 6 -6.38 42.57 -15.63
C ASN A 6 -6.76 43.81 -16.42
N GLU A 7 -6.54 43.76 -17.73
CA GLU A 7 -6.90 44.88 -18.61
C GLU A 7 -8.39 44.80 -18.90
N ALA A 8 -8.97 45.94 -19.29
CA ALA A 8 -10.41 46.01 -19.57
C ALA A 8 -10.77 45.67 -21.03
N ILE A 9 -10.35 44.48 -21.48
CA ILE A 9 -10.63 44.06 -22.85
C ILE A 9 -11.73 43.01 -22.94
N PHE A 10 -12.27 42.62 -21.78
CA PHE A 10 -13.30 41.61 -21.73
C PHE A 10 -14.71 42.20 -21.76
N THR A 11 -15.39 41.94 -22.87
CA THR A 11 -16.73 42.45 -23.14
C THR A 11 -17.90 41.59 -22.69
N GLN A 12 -17.65 40.34 -22.32
CA GLN A 12 -18.72 39.46 -21.88
C GLN A 12 -18.21 38.39 -20.94
N PHE A 13 -19.04 38.01 -19.97
CA PHE A 13 -18.66 36.99 -19.00
C PHE A 13 -19.90 36.36 -18.37
N ASP A 14 -19.99 35.04 -18.44
CA ASP A 14 -21.14 34.35 -17.86
C ASP A 14 -20.83 32.93 -17.44
N VAL A 15 -21.47 32.47 -16.38
CA VAL A 15 -21.26 31.12 -15.86
C VAL A 15 -22.54 30.29 -15.90
N ASN A 16 -22.42 29.05 -16.37
CA ASN A 16 -23.55 28.14 -16.46
C ASN A 16 -23.11 26.74 -16.03
N PRO A 17 -24.00 25.98 -15.38
CA PRO A 17 -25.38 26.39 -15.07
C PRO A 17 -25.41 27.35 -13.87
N LYS A 18 -26.51 28.07 -13.72
CA LYS A 18 -26.65 29.00 -12.60
C LYS A 18 -27.43 28.29 -11.51
N GLY A 19 -27.40 28.86 -10.30
CA GLY A 19 -28.10 28.23 -9.20
C GLY A 19 -27.24 27.19 -8.51
N LEU A 20 -27.80 26.53 -7.50
CA LEU A 20 -27.06 25.51 -6.77
C LEU A 20 -26.70 24.33 -7.66
N ILE A 21 -25.41 24.07 -7.79
CA ILE A 21 -24.94 22.96 -8.60
C ILE A 21 -24.98 21.71 -7.73
N ASN A 22 -25.72 20.71 -8.18
CA ASN A 22 -25.94 19.49 -7.42
C ASN A 22 -24.86 18.41 -7.40
N ASN A 23 -24.22 18.16 -8.55
CA ASN A 23 -23.17 17.13 -8.62
C ASN A 23 -22.16 17.46 -9.73
N PRO A 24 -20.97 16.84 -9.69
CA PRO A 24 -19.94 17.07 -10.69
C PRO A 24 -20.08 16.31 -12.01
N SER A 25 -21.24 15.68 -12.23
CA SER A 25 -21.47 14.92 -13.46
C SER A 25 -21.43 15.77 -14.72
N GLN A 26 -21.99 16.97 -14.66
CA GLN A 26 -22.01 17.85 -15.82
C GLN A 26 -20.94 18.93 -15.64
N PRO A 27 -20.46 19.51 -16.76
CA PRO A 27 -19.43 20.54 -16.66
C PRO A 27 -20.00 21.87 -16.15
N ILE A 28 -19.13 22.70 -15.60
CA ILE A 28 -19.52 24.04 -15.16
C ILE A 28 -18.91 24.88 -16.28
N GLU A 29 -19.78 25.56 -17.04
CA GLU A 29 -19.35 26.35 -18.18
C GLU A 29 -19.07 27.82 -17.94
N PHE A 30 -18.00 28.29 -18.57
CA PHE A 30 -17.61 29.69 -18.48
C PHE A 30 -17.57 30.24 -19.89
N ASN A 31 -18.25 31.36 -20.11
CA ASN A 31 -18.25 32.00 -21.42
C ASN A 31 -17.56 33.34 -21.28
N LEU A 32 -16.61 33.62 -22.16
CA LEU A 32 -15.86 34.86 -22.11
C LEU A 32 -15.67 35.45 -23.51
N ALA A 33 -15.81 36.77 -23.61
CA ALA A 33 -15.63 37.45 -24.87
C ALA A 33 -14.65 38.59 -24.67
N PHE A 34 -13.83 38.87 -25.68
CA PHE A 34 -12.87 39.96 -25.59
C PHE A 34 -12.67 40.63 -26.94
N SER A 35 -11.99 41.77 -26.93
CA SER A 35 -11.72 42.48 -28.17
C SER A 35 -10.52 43.39 -27.96
N ASP A 36 -10.12 44.08 -29.03
CA ASP A 36 -8.98 44.98 -28.96
C ASP A 36 -9.33 46.37 -28.45
N MET A 37 -10.44 46.50 -27.73
CA MET A 37 -10.83 47.79 -27.17
C MET A 37 -10.58 47.72 -25.67
N ASN A 38 -9.58 48.47 -25.21
CA ASN A 38 -9.23 48.48 -23.79
C ASN A 38 -9.55 49.82 -23.14
N ASN A 39 -10.62 49.87 -22.36
CA ASN A 39 -11.04 51.10 -21.71
C ASN A 39 -11.31 52.19 -22.74
N GLY A 40 -11.93 51.79 -23.85
CA GLY A 40 -12.25 52.73 -24.90
C GLY A 40 -11.08 53.09 -25.79
N GLN A 41 -9.95 52.44 -25.58
CA GLN A 41 -8.76 52.69 -26.38
C GLN A 41 -8.32 51.48 -27.17
N LYS A 42 -8.07 51.70 -28.45
CA LYS A 42 -7.64 50.65 -29.35
C LYS A 42 -6.26 50.11 -29.03
N VAL A 43 -6.13 48.79 -28.94
CA VAL A 43 -4.83 48.17 -28.70
C VAL A 43 -4.52 47.25 -29.88
N LYS A 44 -3.25 46.93 -30.06
CA LYS A 44 -2.82 46.06 -31.15
C LYS A 44 -2.20 44.79 -30.53
N PHE A 45 -2.92 43.68 -30.60
CA PHE A 45 -2.40 42.44 -30.04
C PHE A 45 -1.21 41.98 -30.86
N LYS A 46 -0.16 41.57 -30.14
CA LYS A 46 1.08 41.11 -30.76
C LYS A 46 1.33 39.66 -30.40
N PRO A 47 2.03 38.93 -31.31
CA PRO A 47 2.31 37.52 -31.01
C PRO A 47 3.01 37.44 -29.65
N GLY A 48 2.51 36.58 -28.77
CA GLY A 48 3.10 36.45 -27.46
C GLY A 48 2.30 37.12 -26.37
N ASP A 49 1.48 38.11 -26.71
CA ASP A 49 0.66 38.77 -25.70
C ASP A 49 -0.26 37.68 -25.19
N PHE A 50 -0.74 37.81 -23.96
CA PHE A 50 -1.58 36.78 -23.36
C PHE A 50 -2.45 37.28 -22.22
N PHE A 51 -3.25 36.37 -21.69
CA PHE A 51 -4.07 36.62 -20.51
C PHE A 51 -4.32 35.26 -19.87
N ASP A 52 -4.51 35.28 -18.56
CA ASP A 52 -4.71 34.06 -17.81
C ASP A 52 -6.04 33.99 -17.10
N LEU A 53 -6.64 32.80 -17.14
CA LEU A 53 -7.90 32.56 -16.47
C LEU A 53 -7.61 31.67 -15.26
N THR A 54 -8.27 31.95 -14.14
CA THR A 54 -8.07 31.17 -12.94
C THR A 54 -9.39 30.68 -12.37
N LEU A 55 -9.65 29.38 -12.50
CA LEU A 55 -10.88 28.80 -11.99
C LEU A 55 -10.83 28.90 -10.46
N PRO A 56 -12.00 29.14 -9.83
CA PRO A 56 -12.09 29.28 -8.37
C PRO A 56 -11.90 28.00 -7.59
N SER A 57 -11.65 28.14 -6.30
CA SER A 57 -11.47 26.98 -5.44
C SER A 57 -11.34 27.43 -3.99
N ASN A 58 -11.58 26.50 -3.07
CA ASN A 58 -11.37 26.79 -1.66
C ASN A 58 -10.64 25.57 -1.12
N ASP A 59 -10.69 25.33 0.19
CA ASP A 59 -9.96 24.18 0.72
C ASP A 59 -10.55 22.81 0.45
N GLU A 60 -11.82 22.76 0.04
CA GLU A 60 -12.46 21.47 -0.23
C GLU A 60 -12.95 21.30 -1.67
N VAL A 61 -13.24 22.41 -2.34
CA VAL A 61 -13.73 22.36 -3.71
C VAL A 61 -12.86 23.17 -4.68
N SER A 62 -12.42 22.51 -5.74
CA SER A 62 -11.59 23.16 -6.74
C SER A 62 -12.11 22.88 -8.14
N LEU A 63 -12.19 23.91 -8.97
CA LEU A 63 -12.64 23.74 -10.34
C LEU A 63 -11.39 23.64 -11.19
N ARG A 64 -11.42 22.77 -12.19
CA ARG A 64 -10.26 22.59 -13.06
C ARG A 64 -10.69 22.20 -14.47
N SER A 65 -9.77 22.32 -15.41
CA SER A 65 -10.05 21.95 -16.79
C SER A 65 -10.21 20.42 -16.85
N LEU A 66 -10.91 19.92 -17.85
CA LEU A 66 -11.08 18.47 -17.98
C LEU A 66 -9.84 17.86 -18.63
N ARG A 67 -9.01 18.73 -19.20
CA ARG A 67 -7.80 18.30 -19.90
C ARG A 67 -6.60 18.04 -18.98
N ALA A 68 -5.65 17.26 -19.48
CA ALA A 68 -4.44 16.96 -18.73
C ALA A 68 -3.63 18.25 -18.65
N MET A 69 -2.80 18.40 -17.61
CA MET A 69 -1.99 19.60 -17.47
C MET A 69 -1.09 19.72 -18.70
N GLY A 70 -0.97 20.94 -19.23
CA GLY A 70 -0.13 21.16 -20.40
C GLY A 70 -0.81 20.89 -21.75
N SER A 71 -2.09 20.57 -21.74
CA SER A 71 -2.80 20.31 -23.00
C SER A 71 -2.94 21.61 -23.79
N LYS A 72 -2.85 21.52 -25.12
CA LYS A 72 -2.97 22.69 -25.97
C LYS A 72 -4.10 22.58 -26.98
N MET A 73 -4.71 23.72 -27.31
CA MET A 73 -5.79 23.76 -28.29
C MET A 73 -5.61 25.02 -29.13
N PRO A 74 -5.65 24.89 -30.46
CA PRO A 74 -5.48 26.10 -31.27
C PRO A 74 -6.75 26.94 -31.29
N VAL A 75 -6.60 28.23 -31.49
CA VAL A 75 -7.76 29.12 -31.58
C VAL A 75 -7.65 29.69 -32.99
N LEU A 76 -8.61 29.31 -33.84
CA LEU A 76 -8.60 29.73 -35.23
C LEU A 76 -9.46 30.93 -35.59
N ALA A 77 -9.10 31.56 -36.71
CA ALA A 77 -9.82 32.71 -37.24
C ALA A 77 -10.15 32.36 -38.70
N LYS A 78 -11.15 33.02 -39.28
CA LYS A 78 -11.55 32.74 -40.66
C LYS A 78 -11.42 33.98 -41.55
N LYS A 83 -11.05 30.72 -45.23
CA LYS A 83 -9.81 30.03 -44.90
C LYS A 83 -9.52 30.15 -43.41
N GLU A 84 -8.84 29.15 -42.85
CA GLU A 84 -8.50 29.16 -41.44
C GLU A 84 -7.10 29.69 -41.19
N ILE A 85 -6.94 30.35 -40.06
CA ILE A 85 -5.68 30.90 -39.66
C ILE A 85 -5.60 30.80 -38.14
N THR A 86 -4.46 30.32 -37.64
CA THR A 86 -4.24 30.16 -36.21
C THR A 86 -3.83 31.49 -35.61
N LEU A 87 -4.72 32.06 -34.81
CA LEU A 87 -4.47 33.35 -34.17
C LEU A 87 -4.13 33.24 -32.70
N GLY A 88 -4.49 32.12 -32.08
CA GLY A 88 -4.20 31.98 -30.67
C GLY A 88 -4.00 30.54 -30.27
N GLU A 89 -3.61 30.36 -29.02
CA GLU A 89 -3.38 29.03 -28.49
C GLU A 89 -3.79 29.00 -27.03
N LEU A 90 -4.59 27.99 -26.67
CA LEU A 90 -5.03 27.84 -25.29
C LEU A 90 -4.29 26.69 -24.64
N THR A 91 -3.75 26.94 -23.46
CA THR A 91 -3.04 25.89 -22.72
C THR A 91 -3.82 25.65 -21.43
N PHE A 92 -4.22 24.41 -21.22
CA PHE A 92 -4.99 24.04 -20.03
C PHE A 92 -4.05 23.49 -18.96
N ASN A 93 -3.95 24.21 -17.85
CA ASN A 93 -3.08 23.83 -16.75
C ASN A 93 -3.86 23.70 -15.44
N GLY A 94 -4.72 22.69 -15.36
CA GLY A 94 -5.52 22.48 -14.15
C GLY A 94 -6.54 23.58 -13.95
N SER A 95 -6.39 24.33 -12.86
CA SER A 95 -7.30 25.44 -12.55
C SER A 95 -6.85 26.70 -13.30
N HIS A 96 -5.70 26.60 -13.97
CA HIS A 96 -5.16 27.74 -14.71
C HIS A 96 -5.25 27.51 -16.21
N ILE A 97 -5.80 28.48 -16.93
CA ILE A 97 -5.93 28.40 -18.38
C ILE A 97 -5.18 29.59 -18.99
N HIS A 98 -4.26 29.30 -19.91
CA HIS A 98 -3.43 30.32 -20.54
C HIS A 98 -3.82 30.56 -21.98
N PHE A 99 -3.98 31.82 -22.36
CA PHE A 99 -4.28 32.14 -23.75
C PHE A 99 -3.14 32.98 -24.28
N GLU A 100 -2.61 32.62 -25.45
CA GLU A 100 -1.52 33.36 -26.07
C GLU A 100 -1.81 33.62 -27.54
N PHE A 101 -1.54 34.84 -27.99
CA PHE A 101 -1.74 35.21 -29.37
C PHE A 101 -0.59 34.67 -30.22
N MET A 102 -0.91 34.12 -31.38
CA MET A 102 0.10 33.56 -32.27
C MET A 102 0.53 34.57 -33.33
N GLU A 103 1.56 34.21 -34.08
CA GLU A 103 2.13 35.05 -35.14
C GLU A 103 1.13 35.77 -36.04
N ASP A 104 0.18 35.03 -36.59
CA ASP A 104 -0.78 35.63 -37.51
C ASP A 104 -1.77 36.64 -36.96
N VAL A 105 -1.64 37.00 -35.69
CA VAL A 105 -2.55 38.01 -35.15
C VAL A 105 -2.18 39.33 -35.79
N LEU A 106 -0.98 39.37 -36.36
CA LEU A 106 -0.48 40.58 -37.02
C LEU A 106 -1.15 40.85 -38.36
N GLN A 107 -2.08 39.97 -38.74
CA GLN A 107 -2.80 40.08 -40.00
C GLN A 107 -4.00 41.04 -39.93
N LEU A 108 -4.81 40.81 -38.90
CA LEU A 108 -6.04 41.55 -38.69
C LEU A 108 -5.95 42.96 -38.09
N GLU A 109 -6.93 43.77 -38.47
CA GLU A 109 -7.08 45.14 -38.02
C GLU A 109 -7.85 45.17 -36.72
N ASN A 110 -9.06 44.62 -36.72
CA ASN A 110 -9.87 44.59 -35.50
C ASN A 110 -10.01 43.16 -35.00
N VAL A 111 -9.56 42.92 -33.78
CA VAL A 111 -9.60 41.59 -33.21
C VAL A 111 -10.65 41.41 -32.11
N THR A 112 -11.44 40.36 -32.25
CA THR A 112 -12.46 40.03 -31.26
C THR A 112 -12.39 38.52 -31.09
N GLY A 113 -12.96 37.99 -30.01
CA GLY A 113 -12.93 36.56 -29.80
C GLY A 113 -13.79 36.12 -28.64
N THR A 114 -14.04 34.81 -28.60
CA THR A 114 -14.87 34.21 -27.57
C THR A 114 -14.23 32.92 -27.09
N ILE A 115 -14.41 32.62 -25.82
CA ILE A 115 -13.87 31.40 -25.24
C ILE A 115 -14.97 30.76 -24.42
N ASN A 116 -15.24 29.48 -24.69
CA ASN A 116 -16.24 28.74 -23.96
C ASN A 116 -15.48 27.64 -23.23
N LEU A 117 -15.16 27.90 -21.98
CA LEU A 117 -14.38 26.99 -21.14
C LEU A 117 -15.25 26.01 -20.36
N LYS A 118 -14.84 24.75 -20.35
CA LYS A 118 -15.56 23.72 -19.62
C LYS A 118 -14.73 23.32 -18.42
N SER A 119 -15.37 23.15 -17.27
CA SER A 119 -14.64 22.78 -16.06
C SER A 119 -15.33 21.69 -15.27
N VAL A 120 -14.57 21.03 -14.42
CA VAL A 120 -15.09 19.97 -13.57
C VAL A 120 -14.62 20.28 -12.16
N TYR A 121 -15.41 19.90 -11.15
CA TYR A 121 -14.99 20.17 -9.79
C TYR A 121 -14.83 18.92 -8.93
N ASP A 122 -13.88 19.00 -8.01
CA ASP A 122 -13.62 17.92 -7.08
C ASP A 122 -14.13 18.47 -5.75
N ASN A 123 -14.59 17.57 -4.88
CA ASN A 123 -15.10 17.99 -3.58
C ASN A 123 -14.61 16.97 -2.55
N ALA A 124 -13.74 17.43 -1.65
CA ALA A 124 -13.14 16.58 -0.63
C ALA A 124 -13.98 16.39 0.65
N TYR A 125 -15.05 17.17 0.79
CA TYR A 125 -15.90 17.09 1.96
C TYR A 125 -16.51 15.71 2.15
N ARG A 126 -16.47 15.20 3.38
CA ARG A 126 -17.04 13.89 3.67
C ARG A 126 -17.86 13.93 4.95
N GLY A 127 -18.12 15.14 5.45
CA GLY A 127 -18.90 15.29 6.67
C GLY A 127 -20.33 14.82 6.60
N GLU A 128 -20.94 14.61 7.76
CA GLU A 128 -22.32 14.14 7.86
C GLU A 128 -23.35 15.15 7.35
N ASP A 129 -23.23 16.40 7.78
CA ASP A 129 -24.18 17.43 7.39
C ASP A 129 -24.00 17.89 5.94
N ASP A 130 -25.11 18.25 5.28
CA ASP A 130 -25.03 18.73 3.92
C ASP A 130 -24.37 20.10 3.99
N LYS A 131 -23.54 20.41 3.01
CA LYS A 131 -22.81 21.67 3.01
C LYS A 131 -22.92 22.40 1.66
N ILE A 132 -22.67 23.71 1.68
CA ILE A 132 -22.73 24.52 0.47
C ILE A 132 -21.42 25.28 0.31
N ALA A 133 -20.82 25.17 -0.88
CA ALA A 133 -19.57 25.86 -1.15
C ALA A 133 -19.87 27.05 -2.04
N GLU A 134 -19.42 28.24 -1.61
CA GLU A 134 -19.62 29.46 -2.37
C GLU A 134 -18.31 29.85 -3.03
N LEU A 135 -18.27 29.76 -4.35
CA LEU A 135 -17.06 30.10 -5.10
C LEU A 135 -17.28 31.22 -6.10
N PRO A 136 -17.55 32.44 -5.60
CA PRO A 136 -17.77 33.58 -6.51
C PRO A 136 -16.49 33.81 -7.30
N THR A 137 -16.61 34.18 -8.57
CA THR A 137 -15.42 34.35 -9.38
C THR A 137 -15.56 35.25 -10.61
N ASN A 138 -14.44 35.81 -11.04
CA ASN A 138 -14.36 36.62 -12.23
C ASN A 138 -13.19 36.02 -13.02
N LEU A 139 -12.91 34.74 -12.74
CA LEU A 139 -11.82 34.01 -13.38
C LEU A 139 -10.48 34.71 -13.24
N GLY A 140 -10.37 35.60 -12.25
CA GLY A 140 -9.12 36.31 -12.04
C GLY A 140 -8.98 37.57 -12.88
N LEU A 141 -9.96 37.84 -13.74
CA LEU A 141 -9.91 39.02 -14.60
C LEU A 141 -10.45 40.20 -13.78
N GLY A 142 -9.52 40.98 -13.23
CA GLY A 142 -9.86 42.11 -12.38
C GLY A 142 -10.85 43.16 -12.86
N SER A 143 -11.01 43.29 -14.17
CA SER A 143 -11.92 44.28 -14.73
C SER A 143 -13.37 43.85 -14.66
N LEU A 144 -13.58 42.55 -14.42
CA LEU A 144 -14.94 42.01 -14.36
C LEU A 144 -15.49 41.85 -12.96
N ASP A 145 -16.81 42.00 -12.85
CA ASP A 145 -17.48 41.82 -11.57
C ASP A 145 -17.58 40.30 -11.38
N LYS A 146 -17.44 39.85 -10.14
CA LYS A 146 -17.53 38.43 -9.85
C LYS A 146 -18.97 37.94 -9.95
N GLN A 147 -19.14 36.69 -10.34
CA GLN A 147 -20.45 36.07 -10.42
C GLN A 147 -20.41 34.90 -9.45
N MET A 148 -21.51 34.70 -8.71
CA MET A 148 -21.56 33.63 -7.72
C MET A 148 -21.76 32.24 -8.30
N ILE A 149 -21.06 31.29 -7.70
CA ILE A 149 -21.15 29.89 -8.04
C ILE A 149 -21.40 29.19 -6.72
N THR A 150 -22.49 28.43 -6.66
CA THR A 150 -22.86 27.70 -5.46
C THR A 150 -22.81 26.22 -5.77
N ILE A 151 -22.01 25.48 -5.01
CA ILE A 151 -21.84 24.06 -5.21
C ILE A 151 -22.28 23.27 -3.99
N SER A 152 -23.13 22.29 -4.21
CA SER A 152 -23.62 21.45 -3.12
C SER A 152 -22.60 20.40 -2.71
N GLN A 153 -22.34 20.33 -1.41
CA GLN A 153 -21.43 19.36 -0.85
C GLN A 153 -22.30 18.46 0.00
N PRO A 154 -22.85 17.39 -0.60
CA PRO A 154 -23.72 16.46 0.11
C PRO A 154 -23.07 15.78 1.32
N GLY A 155 -23.86 15.65 2.39
CA GLY A 155 -23.34 15.00 3.58
C GLY A 155 -23.37 13.50 3.37
N THR A 156 -22.65 12.78 4.22
CA THR A 156 -22.60 11.33 4.14
C THR A 156 -23.32 10.73 5.35
N PRO A 157 -24.46 10.05 5.11
CA PRO A 157 -25.24 9.45 6.18
C PRO A 157 -24.43 8.49 7.06
N THR A 158 -24.94 8.23 8.26
CA THR A 158 -24.27 7.33 9.20
C THR A 158 -24.04 5.95 8.58
N SER A 163 -28.90 1.00 -1.99
CA SER A 163 -30.05 1.58 -2.70
C SER A 163 -31.17 0.57 -2.92
N PRO A 164 -32.42 1.04 -2.85
CA PRO A 164 -33.61 0.19 -3.05
C PRO A 164 -34.08 0.22 -4.52
N ILE A 165 -33.51 1.13 -5.31
CA ILE A 165 -33.87 1.25 -6.72
C ILE A 165 -33.30 0.08 -7.51
N PHE A 166 -34.18 -0.70 -8.12
CA PHE A 166 -33.75 -1.86 -8.88
C PHE A 166 -32.85 -1.56 -10.07
N TYR A 167 -33.14 -0.51 -10.81
CA TYR A 167 -32.32 -0.19 -11.98
C TYR A 167 -32.25 1.29 -12.29
N TRP A 168 -31.04 1.77 -12.58
CA TRP A 168 -30.84 3.14 -12.99
C TRP A 168 -29.52 3.23 -13.72
N LYS A 169 -29.41 4.20 -14.61
CA LYS A 169 -28.21 4.39 -15.39
C LYS A 169 -27.65 5.79 -15.17
N THR A 170 -26.34 5.93 -15.25
CA THR A 170 -25.69 7.22 -15.06
C THR A 170 -24.57 7.36 -16.07
N GLY A 171 -24.09 8.59 -16.23
CA GLY A 171 -23.00 8.82 -17.17
C GLY A 171 -22.35 10.15 -16.93
N THR A 172 -21.11 10.28 -17.40
CA THR A 172 -20.38 11.53 -17.25
C THR A 172 -19.22 11.54 -18.23
N PHE A 173 -18.56 12.69 -18.32
CA PHE A 173 -17.43 12.84 -19.22
C PHE A 173 -16.20 12.20 -18.61
N SER A 174 -15.30 11.74 -19.46
CA SER A 174 -14.06 11.14 -19.00
C SER A 174 -13.02 12.23 -18.81
N THR A 175 -12.18 12.06 -17.80
CA THR A 175 -11.11 13.01 -17.54
C THR A 175 -9.80 12.30 -17.89
N GLU A 176 -9.91 11.06 -18.38
CA GLU A 176 -8.73 10.27 -18.75
C GLU A 176 -8.56 10.20 -20.28
N VAL A 177 -9.67 10.29 -21.00
CA VAL A 177 -9.63 10.26 -22.47
C VAL A 177 -10.52 11.39 -22.97
N HIS A 178 -9.89 12.43 -23.50
CA HIS A 178 -10.62 13.59 -24.00
C HIS A 178 -11.58 13.26 -25.13
N GLY A 179 -12.86 13.58 -24.91
CA GLY A 179 -13.87 13.32 -25.91
C GLY A 179 -14.68 12.06 -25.60
N ASP A 180 -14.24 11.31 -24.61
CA ASP A 180 -14.92 10.08 -24.21
C ASP A 180 -15.83 10.32 -23.01
N MET A 181 -16.77 9.40 -22.81
CA MET A 181 -17.73 9.48 -21.70
C MET A 181 -17.83 8.09 -21.06
N ASN A 182 -18.06 8.04 -19.75
CA ASN A 182 -18.15 6.78 -19.04
C ASN A 182 -19.60 6.56 -18.61
N TRP A 183 -20.06 5.32 -18.71
CA TRP A 183 -21.43 5.01 -18.33
C TRP A 183 -21.58 3.83 -17.38
N TRP A 184 -22.68 3.83 -16.64
CA TRP A 184 -22.97 2.79 -15.65
C TRP A 184 -24.41 2.30 -15.72
N LEU A 185 -24.60 0.99 -15.85
CA LEU A 185 -25.94 0.40 -15.83
C LEU A 185 -25.97 -0.35 -14.50
N ASN A 186 -26.74 0.15 -13.54
CA ASN A 186 -26.83 -0.48 -12.22
C ASN A 186 -28.04 -1.40 -12.14
N ILE A 187 -27.79 -2.70 -12.27
CA ILE A 187 -28.85 -3.70 -12.27
C ILE A 187 -28.99 -4.48 -10.98
N ASN A 188 -30.19 -4.41 -10.41
CA ASN A 188 -30.51 -5.11 -9.17
C ASN A 188 -29.65 -4.73 -7.98
N SER A 189 -29.64 -3.44 -7.65
CA SER A 189 -28.90 -2.95 -6.50
C SER A 189 -29.50 -3.56 -5.22
N PRO A 190 -30.84 -3.66 -5.15
CA PRO A 190 -31.51 -4.23 -3.96
C PRO A 190 -31.18 -5.70 -3.71
N LYS A 191 -30.65 -6.37 -4.74
CA LYS A 191 -30.31 -7.79 -4.65
C LYS A 191 -31.61 -8.60 -4.51
N GLU A 192 -32.57 -8.28 -5.36
CA GLU A 192 -33.85 -8.96 -5.35
C GLU A 192 -33.82 -10.38 -5.93
N ALA A 193 -34.80 -11.18 -5.50
CA ALA A 193 -34.94 -12.53 -5.97
C ALA A 193 -35.98 -12.39 -7.08
N VAL A 194 -35.55 -11.87 -8.23
CA VAL A 194 -36.45 -11.64 -9.36
C VAL A 194 -37.12 -12.93 -9.80
N GLN A 195 -38.35 -12.81 -10.27
CA GLN A 195 -39.11 -13.99 -10.70
C GLN A 195 -39.07 -14.31 -12.19
N SER A 196 -38.13 -13.72 -12.91
CA SER A 196 -37.99 -13.98 -14.34
C SER A 196 -36.63 -13.48 -14.79
N ASP A 197 -36.28 -13.71 -16.05
CA ASP A 197 -35.01 -13.23 -16.57
C ASP A 197 -35.09 -11.70 -16.59
N VAL A 198 -33.95 -11.05 -16.63
CA VAL A 198 -33.91 -9.59 -16.66
C VAL A 198 -33.32 -9.15 -18.00
N LYS A 199 -33.95 -8.19 -18.66
CA LYS A 199 -33.46 -7.72 -19.95
C LYS A 199 -33.40 -6.21 -20.03
N VAL A 200 -32.27 -5.68 -20.47
CA VAL A 200 -32.12 -4.23 -20.60
C VAL A 200 -31.70 -3.96 -22.04
N ILE A 201 -32.40 -3.03 -22.68
CA ILE A 201 -32.04 -2.66 -24.05
C ILE A 201 -31.61 -1.20 -23.95
N ASP A 202 -30.32 -0.98 -24.17
CA ASP A 202 -29.76 0.36 -24.09
C ASP A 202 -29.47 0.92 -25.48
N THR A 203 -30.00 2.09 -25.76
CA THR A 203 -29.79 2.72 -27.06
C THR A 203 -28.96 3.99 -26.89
N ILE A 204 -27.71 3.94 -27.35
CA ILE A 204 -26.83 5.10 -27.25
C ILE A 204 -27.32 6.14 -28.24
N GLY A 205 -27.47 7.37 -27.77
CA GLY A 205 -27.96 8.45 -28.61
C GLY A 205 -27.06 8.89 -29.76
N GLU A 206 -27.54 9.88 -30.50
CA GLU A 206 -26.78 10.40 -31.64
C GLU A 206 -25.57 11.20 -31.17
N GLY A 207 -24.54 11.28 -32.01
CA GLY A 207 -23.36 12.05 -31.65
C GLY A 207 -22.21 11.30 -31.02
N HIS A 208 -22.48 10.12 -30.48
CA HIS A 208 -21.41 9.32 -29.88
C HIS A 208 -21.63 7.84 -30.11
N LYS A 209 -20.56 7.06 -30.00
CA LYS A 209 -20.65 5.62 -30.23
C LYS A 209 -19.87 4.87 -29.15
N LEU A 210 -20.26 3.62 -28.94
CA LEU A 210 -19.60 2.78 -27.95
C LEU A 210 -18.14 2.54 -28.35
N VAL A 211 -17.25 2.56 -27.37
CA VAL A 211 -15.84 2.31 -27.63
C VAL A 211 -15.60 0.81 -27.59
N ASP A 212 -15.16 0.26 -28.71
CA ASP A 212 -14.91 -1.17 -28.83
C ASP A 212 -14.07 -1.76 -27.69
N GLY A 213 -14.58 -2.83 -27.10
CA GLY A 213 -13.89 -3.51 -26.01
C GLY A 213 -13.86 -2.85 -24.64
N SER A 214 -14.72 -1.84 -24.43
CA SER A 214 -14.70 -1.13 -23.15
C SER A 214 -15.72 -1.62 -22.13
N ILE A 215 -16.47 -2.66 -22.47
CA ILE A 215 -17.49 -3.17 -21.55
C ILE A 215 -16.95 -4.10 -20.48
N MET A 216 -17.23 -3.77 -19.22
CA MET A 216 -16.80 -4.58 -18.09
C MET A 216 -18.01 -4.72 -17.17
N VAL A 217 -17.97 -5.66 -16.24
CA VAL A 217 -19.11 -5.85 -15.35
C VAL A 217 -18.70 -6.14 -13.91
N ASP A 218 -19.32 -5.45 -12.96
CA ASP A 218 -19.05 -5.71 -11.55
C ASP A 218 -20.17 -6.64 -11.12
N VAL A 219 -19.81 -7.73 -10.45
CA VAL A 219 -20.79 -8.70 -9.99
C VAL A 219 -20.67 -8.85 -8.49
N GLU A 220 -21.70 -8.42 -7.76
CA GLU A 220 -21.67 -8.50 -6.31
C GLU A 220 -22.81 -9.36 -5.76
N ALA A 221 -22.46 -10.31 -4.91
CA ALA A 221 -23.45 -11.19 -4.31
C ALA A 221 -22.86 -11.82 -3.05
N ASN A 222 -23.71 -12.08 -2.08
CA ASN A 222 -23.31 -12.67 -0.80
C ASN A 222 -21.96 -12.20 -0.27
N GLY A 223 -21.83 -10.89 -0.09
CA GLY A 223 -20.64 -10.27 0.48
C GLY A 223 -19.33 -10.15 -0.28
N GLU A 224 -19.36 -10.37 -1.59
CA GLU A 224 -18.14 -10.28 -2.39
C GLU A 224 -18.35 -9.68 -3.76
N LEU A 225 -17.39 -8.87 -4.18
CA LEU A 225 -17.46 -8.24 -5.49
C LEU A 225 -16.33 -8.68 -6.40
N LYS A 226 -16.67 -8.92 -7.66
CA LYS A 226 -15.71 -9.32 -8.66
C LYS A 226 -15.90 -8.43 -9.87
N HIS A 227 -14.79 -7.83 -10.31
CA HIS A 227 -14.81 -6.94 -11.47
C HIS A 227 -14.36 -7.81 -12.64
N ILE A 228 -15.30 -8.16 -13.51
CA ILE A 228 -14.98 -9.02 -14.67
C ILE A 228 -15.20 -8.36 -16.01
N SER A 229 -14.89 -9.07 -17.08
CA SER A 229 -15.05 -8.54 -18.43
C SER A 229 -16.37 -8.98 -19.04
N ALA A 230 -16.72 -8.36 -20.16
CA ALA A 230 -17.95 -8.71 -20.86
C ALA A 230 -17.86 -10.15 -21.32
N GLU A 231 -16.68 -10.55 -21.78
CA GLU A 231 -16.45 -11.92 -22.24
C GLU A 231 -16.71 -12.96 -21.16
N ALA A 232 -16.23 -12.68 -19.95
CA ALA A 232 -16.43 -13.59 -18.83
C ALA A 232 -17.90 -13.61 -18.46
N PHE A 233 -18.52 -12.44 -18.48
CA PHE A 233 -19.95 -12.32 -18.17
C PHE A 233 -20.75 -13.21 -19.11
N ASN A 234 -20.41 -13.16 -20.40
CA ASN A 234 -21.10 -13.97 -21.40
C ASN A 234 -20.95 -15.46 -21.20
N LYS A 235 -19.92 -15.87 -20.45
CA LYS A 235 -19.69 -17.29 -20.21
C LYS A 235 -20.27 -17.80 -18.89
N GLU A 236 -20.54 -16.90 -17.96
CA GLU A 236 -21.04 -17.31 -16.66
C GLU A 236 -22.39 -16.77 -16.18
N TYR A 237 -22.66 -15.49 -16.43
CA TYR A 237 -23.89 -14.88 -15.92
C TYR A 237 -25.01 -14.51 -16.89
N GLY A 238 -24.68 -14.32 -18.16
CA GLY A 238 -25.73 -13.95 -19.09
C GLY A 238 -25.19 -13.64 -20.47
N THR A 239 -25.84 -12.72 -21.15
CA THR A 239 -25.44 -12.34 -22.50
C THR A 239 -25.49 -10.84 -22.71
N ILE A 240 -24.41 -10.29 -23.25
CA ILE A 240 -24.35 -8.87 -23.57
C ILE A 240 -24.04 -8.81 -25.06
N THR A 241 -24.90 -8.13 -25.80
CA THR A 241 -24.71 -7.99 -27.23
C THR A 241 -24.60 -6.52 -27.59
N VAL A 242 -23.91 -6.23 -28.70
CA VAL A 242 -23.78 -4.87 -29.16
C VAL A 242 -24.02 -4.89 -30.67
N GLU A 243 -24.96 -4.07 -31.11
CA GLU A 243 -25.26 -3.96 -32.53
C GLU A 243 -25.48 -2.48 -32.78
N GLY A 244 -24.50 -1.85 -33.42
CA GLY A 244 -24.60 -0.43 -33.69
C GLY A 244 -24.66 0.34 -32.39
N GLN A 245 -25.73 1.10 -32.22
CA GLN A 245 -25.94 1.92 -31.03
C GLN A 245 -26.68 1.17 -29.93
N VAL A 246 -27.06 -0.07 -30.19
CA VAL A 246 -27.81 -0.85 -29.22
C VAL A 246 -27.01 -1.88 -28.42
N LEU A 247 -26.98 -1.70 -27.10
CA LEU A 247 -26.28 -2.61 -26.21
C LEU A 247 -27.37 -3.29 -25.38
N THR A 248 -27.42 -4.62 -25.46
CA THR A 248 -28.43 -5.38 -24.75
C THR A 248 -27.82 -6.26 -23.69
N VAL A 249 -28.42 -6.27 -22.51
CA VAL A 249 -27.96 -7.09 -21.40
C VAL A 249 -29.08 -8.02 -21.01
N MET A 250 -28.81 -9.31 -21.03
CA MET A 250 -29.81 -10.32 -20.69
C MET A 250 -29.26 -11.17 -19.55
N ILE A 251 -30.02 -11.28 -18.47
CA ILE A 251 -29.60 -12.06 -17.31
C ILE A 251 -30.67 -13.08 -16.89
N PRO A 252 -30.35 -14.38 -17.00
CA PRO A 252 -31.32 -15.41 -16.62
C PRO A 252 -31.73 -15.28 -15.14
N LYS A 253 -32.97 -15.63 -14.85
CA LYS A 253 -33.52 -15.55 -13.50
C LYS A 253 -32.59 -16.05 -12.37
N GLU A 254 -32.02 -17.26 -12.51
CA GLU A 254 -31.13 -17.83 -11.47
C GLU A 254 -29.83 -17.06 -11.27
N LYS A 255 -29.35 -16.41 -12.33
CA LYS A 255 -28.11 -15.64 -12.25
C LYS A 255 -28.34 -14.23 -11.71
N ALA A 256 -29.52 -13.69 -11.94
CA ALA A 256 -29.87 -12.35 -11.48
C ALA A 256 -30.22 -12.35 -10.01
N ALA A 257 -30.74 -13.48 -9.53
CA ALA A 257 -31.15 -13.63 -8.13
C ALA A 257 -30.14 -13.11 -7.10
N LYS A 258 -30.62 -12.21 -6.26
CA LYS A 258 -29.83 -11.63 -5.18
C LYS A 258 -28.43 -11.16 -5.58
N THR A 259 -28.28 -10.73 -6.82
CA THR A 259 -26.98 -10.29 -7.31
C THR A 259 -27.08 -8.95 -8.01
N THR A 260 -26.13 -8.05 -7.70
CA THR A 260 -26.09 -6.73 -8.32
C THR A 260 -25.08 -6.76 -9.46
N PHE A 261 -25.51 -6.31 -10.63
CA PHE A 261 -24.64 -6.27 -11.80
C PHE A 261 -24.46 -4.83 -12.23
N THR A 262 -23.21 -4.38 -12.25
CA THR A 262 -22.91 -3.02 -12.66
C THR A 262 -22.17 -3.11 -13.98
N VAL A 263 -22.89 -2.86 -15.07
CA VAL A 263 -22.30 -2.90 -16.41
C VAL A 263 -21.74 -1.51 -16.73
N THR A 264 -20.46 -1.44 -17.04
CA THR A 264 -19.84 -0.17 -17.38
C THR A 264 -19.28 -0.22 -18.80
N TYR A 265 -19.21 0.93 -19.44
CA TYR A 265 -18.69 1.03 -20.80
C TYR A 265 -18.44 2.49 -21.12
N ASP A 266 -17.72 2.72 -22.22
CA ASP A 266 -17.41 4.07 -22.65
C ASP A 266 -17.98 4.35 -24.02
N THR A 267 -18.22 5.63 -24.29
CA THR A 267 -18.67 6.03 -25.62
C THR A 267 -17.71 7.15 -26.03
N ARG A 268 -17.66 7.43 -27.32
CA ARG A 268 -16.76 8.44 -27.85
C ARG A 268 -17.54 9.39 -28.73
N ALA A 269 -17.44 10.67 -28.45
CA ALA A 269 -18.14 11.68 -29.22
C ALA A 269 -17.51 11.83 -30.61
N PHE A 270 -18.35 11.97 -31.63
CA PHE A 270 -17.86 12.16 -32.99
C PHE A 270 -18.48 13.43 -33.55
N ASP A 271 -19.57 13.90 -32.93
CA ASP A 271 -20.20 15.15 -33.33
C ASP A 271 -19.80 16.13 -32.22
N LYS A 272 -18.76 16.90 -32.48
CA LYS A 272 -18.22 17.87 -31.53
C LYS A 272 -19.13 19.00 -31.09
N LYS A 273 -20.16 19.27 -31.87
CA LYS A 273 -21.06 20.37 -31.55
C LYS A 273 -22.44 20.05 -30.96
N LEU A 274 -22.73 18.77 -30.75
CA LEU A 274 -24.01 18.40 -30.19
C LEU A 274 -24.09 18.90 -28.74
N GLU A 275 -25.19 19.58 -28.41
CA GLU A 275 -25.35 20.13 -27.08
C GLU A 275 -25.37 19.10 -25.94
N ASN A 276 -25.94 17.93 -26.18
CA ASN A 276 -25.98 16.86 -25.16
C ASN A 276 -25.76 15.50 -25.81
N TYR A 277 -25.11 14.59 -25.07
CA TYR A 277 -24.88 13.23 -25.56
C TYR A 277 -25.78 12.36 -24.72
N LYS A 278 -26.84 11.86 -25.33
CA LYS A 278 -27.84 11.07 -24.61
C LYS A 278 -27.70 9.56 -24.70
N ASN A 279 -28.40 8.89 -23.78
CA ASN A 279 -28.44 7.44 -23.73
C ASN A 279 -29.77 7.10 -23.08
N SER A 280 -30.53 6.22 -23.72
CA SER A 280 -31.81 5.82 -23.17
C SER A 280 -31.82 4.30 -23.07
N SER A 281 -32.58 3.77 -22.12
CA SER A 281 -32.65 2.32 -21.96
C SER A 281 -34.01 1.90 -21.44
N THR A 282 -34.36 0.64 -21.68
CA THR A 282 -35.61 0.08 -21.21
C THR A 282 -35.28 -1.23 -20.50
N ILE A 283 -36.07 -1.58 -19.51
CA ILE A 283 -35.81 -2.81 -18.78
C ILE A 283 -37.12 -3.54 -18.54
N GLU A 284 -37.06 -4.86 -18.49
CA GLU A 284 -38.24 -5.66 -18.22
C GLU A 284 -37.83 -6.86 -17.41
N TYR A 285 -38.66 -7.18 -16.42
CA TYR A 285 -38.43 -8.31 -15.54
C TYR A 285 -39.63 -8.44 -14.62
N LYS A 286 -39.72 -9.55 -13.88
CA LYS A 286 -40.79 -9.74 -12.91
C LYS A 286 -40.08 -9.52 -11.57
N ASP A 287 -40.61 -8.64 -10.72
CA ASP A 287 -39.98 -8.40 -9.44
C ASP A 287 -40.09 -9.60 -8.51
N GLU A 288 -39.58 -9.46 -7.29
CA GLU A 288 -39.61 -10.55 -6.32
C GLU A 288 -41.02 -10.99 -5.96
N SER A 289 -42.00 -10.12 -6.19
CA SER A 289 -43.39 -10.45 -5.89
C SER A 289 -44.05 -11.16 -7.07
N GLY A 290 -43.32 -11.25 -8.18
CA GLY A 290 -43.83 -11.93 -9.36
C GLY A 290 -44.57 -11.02 -10.32
N ASN A 291 -44.49 -9.72 -10.10
CA ASN A 291 -45.18 -8.77 -10.96
C ASN A 291 -44.27 -8.20 -12.03
N LEU A 292 -44.80 -8.12 -13.24
CA LEU A 292 -44.05 -7.62 -14.38
C LEU A 292 -43.81 -6.12 -14.26
N VAL A 293 -42.55 -5.71 -14.35
CA VAL A 293 -42.18 -4.31 -14.25
C VAL A 293 -41.93 -3.78 -15.66
N THR A 294 -42.82 -2.91 -16.13
CA THR A 294 -42.69 -2.35 -17.47
C THR A 294 -42.81 -0.82 -17.46
N ASP A 295 -42.88 -0.25 -16.26
CA ASP A 295 -43.07 1.18 -16.10
C ASP A 295 -41.94 1.95 -15.41
N THR A 296 -40.73 1.42 -15.44
CA THR A 296 -39.62 2.11 -14.79
C THR A 296 -39.49 3.54 -15.33
N PRO A 297 -39.49 4.54 -14.43
CA PRO A 297 -39.38 5.94 -14.86
C PRO A 297 -38.17 6.21 -15.75
N LYS A 298 -38.36 7.07 -16.75
CA LYS A 298 -37.26 7.41 -17.64
C LYS A 298 -36.16 8.19 -16.92
N HIS A 299 -36.48 8.87 -15.83
CA HIS A 299 -35.42 9.61 -15.15
C HIS A 299 -34.38 8.65 -14.60
N TYR A 300 -34.77 7.39 -14.44
CA TYR A 300 -33.84 6.36 -13.96
C TYR A 300 -33.15 5.64 -15.13
N THR A 301 -33.90 5.34 -16.18
CA THR A 301 -33.37 4.60 -17.33
C THR A 301 -32.68 5.40 -18.42
N ASP A 302 -32.89 6.71 -18.43
CA ASP A 302 -32.29 7.57 -19.46
C ASP A 302 -31.44 8.67 -18.81
N THR A 303 -30.38 9.08 -19.50
CA THR A 303 -29.57 10.16 -18.98
C THR A 303 -28.75 10.79 -20.11
N SER A 304 -27.92 11.77 -19.78
CA SER A 304 -27.13 12.42 -20.79
C SER A 304 -25.98 13.18 -20.17
N VAL A 305 -25.02 13.55 -21.01
CA VAL A 305 -23.86 14.31 -20.58
C VAL A 305 -23.84 15.58 -21.42
N VAL A 306 -23.77 16.73 -20.75
CA VAL A 306 -23.73 18.00 -21.45
C VAL A 306 -22.38 18.08 -22.16
N ASN A 307 -22.38 18.64 -23.36
CA ASN A 307 -21.16 18.79 -24.16
C ASN A 307 -20.01 19.26 -23.29
N MET A 308 -18.93 18.50 -23.27
CA MET A 308 -17.78 18.81 -22.45
C MET A 308 -16.56 19.36 -23.18
N PHE A 309 -16.74 19.77 -24.43
CA PHE A 309 -15.63 20.30 -25.23
C PHE A 309 -15.41 21.81 -25.08
N ASP A 310 -14.15 22.21 -24.99
CA ASP A 310 -13.81 23.62 -24.90
C ASP A 310 -13.81 24.11 -26.34
N ASP A 311 -14.12 25.39 -26.53
CA ASP A 311 -14.10 25.93 -27.88
C ASP A 311 -13.75 27.40 -27.80
N ALA A 312 -13.22 27.94 -28.90
CA ALA A 312 -12.83 29.34 -28.94
C ALA A 312 -12.71 29.77 -30.38
N THR A 313 -12.92 31.06 -30.64
CA THR A 313 -12.84 31.60 -31.98
C THR A 313 -12.41 33.05 -31.92
N ILE A 314 -11.79 33.53 -33.00
CA ILE A 314 -11.33 34.90 -33.07
C ILE A 314 -11.75 35.49 -34.41
N GLY A 315 -11.98 36.80 -34.44
CA GLY A 315 -12.46 37.44 -35.66
C GLY A 315 -11.84 38.79 -35.89
N GLY A 316 -11.80 39.21 -37.15
CA GLY A 316 -11.12 40.44 -37.47
C GLY A 316 -10.91 40.56 -38.97
N GLU A 317 -10.47 41.73 -39.42
CA GLU A 317 -10.18 41.92 -40.83
C GLU A 317 -8.71 42.26 -41.05
N MET A 318 -8.18 41.94 -42.22
CA MET A 318 -6.78 42.28 -42.49
C MET A 318 -6.69 43.74 -42.92
N ALA B 1 47.95 -5.67 35.62
CA ALA B 1 47.14 -6.88 35.28
C ALA B 1 47.74 -7.62 34.09
N LYS B 2 47.62 -8.94 34.12
CA LYS B 2 48.15 -9.85 33.09
C LYS B 2 47.13 -10.35 32.07
N ASP B 3 47.54 -10.29 30.80
CA ASP B 3 46.74 -10.72 29.65
C ASP B 3 47.01 -12.17 29.30
N TYR B 4 46.00 -13.02 29.47
CA TYR B 4 46.14 -14.45 29.16
C TYR B 4 45.65 -14.86 27.77
N THR B 5 45.27 -13.88 26.95
CA THR B 5 44.77 -14.17 25.62
C THR B 5 45.61 -15.17 24.81
N ASN B 6 46.92 -15.00 24.81
CA ASN B 6 47.78 -15.90 24.05
C ASN B 6 48.58 -16.89 24.88
N GLU B 7 48.16 -17.06 26.15
CA GLU B 7 48.80 -18.02 27.03
C GLU B 7 48.10 -19.38 26.83
N ALA B 8 48.76 -20.45 27.25
CA ALA B 8 48.21 -21.80 27.07
C ALA B 8 47.35 -22.32 28.21
N ILE B 9 46.36 -21.53 28.63
CA ILE B 9 45.48 -21.93 29.73
C ILE B 9 44.13 -22.47 29.24
N PHE B 10 43.95 -22.52 27.92
CA PHE B 10 42.70 -22.99 27.35
C PHE B 10 42.72 -24.47 27.05
N THR B 11 41.92 -25.20 27.83
CA THR B 11 41.84 -26.65 27.77
C THR B 11 40.84 -27.26 26.77
N GLN B 12 39.77 -26.55 26.49
CA GLN B 12 38.77 -27.04 25.55
C GLN B 12 38.25 -25.92 24.65
N PHE B 13 37.89 -26.28 23.43
CA PHE B 13 37.38 -25.29 22.48
C PHE B 13 36.57 -26.01 21.41
N ASP B 14 35.33 -25.56 21.21
CA ASP B 14 34.48 -26.16 20.20
C ASP B 14 33.59 -25.09 19.59
N VAL B 15 33.24 -25.28 18.33
CA VAL B 15 32.40 -24.34 17.63
C VAL B 15 31.33 -25.11 16.89
N ASN B 16 30.09 -24.65 17.05
CA ASN B 16 28.97 -25.28 16.40
C ASN B 16 28.06 -24.17 15.86
N PRO B 17 27.39 -24.43 14.72
CA PRO B 17 27.42 -25.66 13.93
C PRO B 17 28.70 -25.93 13.13
N LYS B 18 28.90 -27.19 12.76
CA LYS B 18 30.08 -27.64 12.02
C LYS B 18 29.90 -27.60 10.50
N GLY B 19 28.66 -27.56 10.03
CA GLY B 19 28.41 -27.54 8.60
C GLY B 19 28.09 -26.15 8.07
N LEU B 20 27.72 -26.07 6.81
CA LEU B 20 27.39 -24.79 6.20
C LEU B 20 26.23 -24.14 6.94
N ILE B 21 26.45 -22.91 7.41
CA ILE B 21 25.42 -22.17 8.11
C ILE B 21 24.60 -21.47 7.04
N ASN B 22 23.30 -21.70 7.03
CA ASN B 22 22.41 -21.13 6.02
C ASN B 22 21.68 -19.84 6.33
N ASN B 23 21.43 -19.57 7.60
CA ASN B 23 20.71 -18.36 8.00
C ASN B 23 21.14 -17.80 9.36
N PRO B 24 21.05 -16.46 9.52
CA PRO B 24 21.43 -15.78 10.76
C PRO B 24 20.40 -15.86 11.88
N SER B 25 19.31 -16.59 11.65
CA SER B 25 18.25 -16.69 12.66
C SER B 25 18.62 -17.47 13.92
N GLN B 26 19.54 -18.42 13.79
CA GLN B 26 19.98 -19.20 14.93
C GLN B 26 21.39 -18.68 15.25
N PRO B 27 21.93 -18.98 16.44
CA PRO B 27 23.27 -18.48 16.72
C PRO B 27 24.42 -19.41 16.35
N ILE B 28 25.62 -18.88 16.42
CA ILE B 28 26.85 -19.62 16.17
C ILE B 28 27.45 -19.71 17.58
N GLU B 29 27.59 -20.93 18.10
CA GLU B 29 28.08 -21.14 19.45
C GLU B 29 29.52 -21.56 19.62
N PHE B 30 30.18 -20.93 20.60
CA PHE B 30 31.57 -21.25 20.92
C PHE B 30 31.65 -21.73 22.36
N ASN B 31 32.27 -22.88 22.57
CA ASN B 31 32.43 -23.42 23.92
C ASN B 31 33.92 -23.34 24.21
N LEU B 32 34.26 -22.71 25.32
CA LEU B 32 35.66 -22.54 25.69
C LEU B 32 35.85 -22.89 27.17
N ALA B 33 36.96 -23.52 27.48
CA ALA B 33 37.27 -23.89 28.86
C ALA B 33 38.71 -23.50 29.14
N PHE B 34 39.00 -23.16 30.39
CA PHE B 34 40.36 -22.78 30.77
C PHE B 34 40.64 -23.22 32.20
N SER B 35 41.92 -23.23 32.56
CA SER B 35 42.33 -23.61 33.90
C SER B 35 43.51 -22.73 34.29
N ASP B 36 44.09 -23.01 35.45
CA ASP B 36 45.22 -22.25 35.94
C ASP B 36 46.58 -22.89 35.66
N MET B 37 46.62 -23.81 34.70
CA MET B 37 47.87 -24.45 34.32
C MET B 37 48.30 -23.88 32.97
N ASN B 38 49.54 -23.39 32.92
CA ASN B 38 50.08 -22.79 31.69
C ASN B 38 51.52 -23.24 31.44
N ASN B 39 51.70 -24.10 30.44
CA ASN B 39 53.03 -24.59 30.08
C ASN B 39 53.73 -25.35 31.21
N GLY B 40 52.97 -26.20 31.89
CA GLY B 40 53.55 -26.97 32.98
C GLY B 40 53.80 -26.16 34.22
N GLN B 41 53.14 -25.01 34.33
CA GLN B 41 53.30 -24.15 35.49
C GLN B 41 51.93 -23.68 35.98
N LYS B 42 51.76 -23.67 37.30
CA LYS B 42 50.49 -23.25 37.91
C LYS B 42 50.47 -21.74 38.10
N VAL B 43 49.52 -21.06 37.48
CA VAL B 43 49.43 -19.62 37.62
C VAL B 43 48.41 -19.26 38.71
N LYS B 44 48.53 -18.05 39.21
CA LYS B 44 47.64 -17.53 40.23
C LYS B 44 46.90 -16.35 39.63
N PHE B 45 45.63 -16.55 39.29
CA PHE B 45 44.82 -15.49 38.71
C PHE B 45 44.53 -14.43 39.75
N LYS B 46 44.69 -13.17 39.36
CA LYS B 46 44.47 -12.04 40.25
C LYS B 46 43.39 -11.15 39.68
N PRO B 47 42.70 -10.39 40.55
CA PRO B 47 41.64 -9.50 40.08
C PRO B 47 42.24 -8.52 39.07
N GLY B 48 41.58 -8.37 37.92
CA GLY B 48 42.09 -7.48 36.89
C GLY B 48 42.71 -8.27 35.74
N ASP B 49 43.16 -9.49 36.03
CA ASP B 49 43.74 -10.32 34.98
C ASP B 49 42.63 -10.58 33.99
N PHE B 50 42.98 -10.74 32.72
CA PHE B 50 41.98 -10.89 31.69
C PHE B 50 42.46 -11.63 30.45
N PHE B 51 41.54 -11.86 29.53
CA PHE B 51 41.82 -12.45 28.24
C PHE B 51 40.73 -11.99 27.30
N ASP B 52 41.08 -11.83 26.03
CA ASP B 52 40.13 -11.35 25.03
C ASP B 52 39.82 -12.36 23.94
N LEU B 53 38.53 -12.44 23.61
CA LEU B 53 38.05 -13.32 22.56
C LEU B 53 37.67 -12.45 21.38
N THR B 54 38.06 -12.88 20.19
CA THR B 54 37.74 -12.14 18.98
C THR B 54 36.99 -13.03 18.00
N LEU B 55 35.72 -12.73 17.77
CA LEU B 55 34.91 -13.50 16.83
C LEU B 55 35.45 -13.21 15.42
N PRO B 56 35.37 -14.20 14.52
CA PRO B 56 35.86 -14.09 13.14
C PRO B 56 35.08 -13.16 12.22
N SER B 57 35.76 -12.71 11.17
CA SER B 57 35.14 -11.84 10.19
C SER B 57 36.06 -11.66 9.00
N ASN B 58 35.48 -11.27 7.87
CA ASN B 58 36.26 -10.97 6.68
C ASN B 58 35.65 -9.69 6.14
N ASP B 59 35.95 -9.33 4.89
CA ASP B 59 35.43 -8.08 4.36
C ASP B 59 33.92 -7.98 4.24
N GLU B 60 33.21 -9.10 4.20
CA GLU B 60 31.75 -9.03 4.05
C GLU B 60 30.93 -9.70 5.15
N VAL B 61 31.53 -10.61 5.90
CA VAL B 61 30.80 -11.31 6.94
C VAL B 61 31.51 -11.19 8.30
N SER B 62 30.76 -10.85 9.33
CA SER B 62 31.34 -10.74 10.67
C SER B 62 30.43 -11.36 11.73
N LEU B 63 31.03 -11.95 12.75
CA LEU B 63 30.26 -12.53 13.82
C LEU B 63 30.34 -11.56 14.99
N ARG B 64 29.24 -11.39 15.70
CA ARG B 64 29.21 -10.48 16.83
C ARG B 64 28.30 -11.01 17.92
N SER B 65 28.44 -10.46 19.12
CA SER B 65 27.59 -10.83 20.24
C SER B 65 26.20 -10.26 19.96
N LEU B 66 25.17 -10.86 20.54
CA LEU B 66 23.82 -10.35 20.37
C LEU B 66 23.60 -9.17 21.31
N ARG B 67 24.50 -9.01 22.28
CA ARG B 67 24.40 -7.94 23.26
C ARG B 67 24.83 -6.57 22.74
N ALA B 68 24.33 -5.52 23.36
CA ALA B 68 24.71 -4.16 22.99
C ALA B 68 26.18 -4.01 23.35
N MET B 69 26.89 -3.12 22.67
CA MET B 69 28.31 -2.91 22.97
C MET B 69 28.43 -2.38 24.40
N GLY B 70 29.35 -2.95 25.17
CA GLY B 70 29.54 -2.51 26.54
C GLY B 70 28.67 -3.25 27.55
N SER B 71 27.93 -4.26 27.10
CA SER B 71 27.09 -5.03 28.02
C SER B 71 27.96 -5.91 28.91
N LYS B 72 27.54 -6.09 30.15
CA LYS B 72 28.31 -6.91 31.09
C LYS B 72 27.48 -8.03 31.68
N MET B 73 28.15 -9.13 32.00
CA MET B 73 27.50 -10.29 32.60
C MET B 73 28.44 -10.89 33.62
N PRO B 74 27.94 -11.14 34.84
CA PRO B 74 28.81 -11.72 35.86
C PRO B 74 29.09 -13.19 35.57
N VAL B 75 30.23 -13.68 36.03
CA VAL B 75 30.60 -15.08 35.86
C VAL B 75 30.74 -15.61 37.28
N LEU B 76 29.92 -16.59 37.64
CA LEU B 76 29.99 -17.11 39.00
C LEU B 76 30.25 -18.57 39.23
N ALA B 77 30.23 -18.92 40.52
CA ALA B 77 30.42 -20.25 41.07
C ALA B 77 31.37 -20.10 42.26
N ILE B 85 28.70 -15.92 44.52
CA ILE B 85 30.11 -15.60 44.43
C ILE B 85 30.49 -15.21 43.00
N THR B 86 31.01 -13.99 42.84
CA THR B 86 31.40 -13.51 41.53
C THR B 86 32.91 -13.65 41.33
N LEU B 87 33.30 -14.53 40.43
CA LEU B 87 34.70 -14.78 40.15
C LEU B 87 35.20 -14.07 38.89
N GLY B 88 34.28 -13.65 38.04
CA GLY B 88 34.68 -12.96 36.83
C GLY B 88 33.57 -12.14 36.21
N GLU B 89 33.90 -11.41 35.16
CA GLU B 89 32.91 -10.59 34.46
C GLU B 89 33.22 -10.57 32.97
N LEU B 90 32.17 -10.70 32.16
CA LEU B 90 32.31 -10.69 30.72
C LEU B 90 31.73 -9.41 30.19
N THR B 91 32.45 -8.77 29.27
CA THR B 91 32.00 -7.54 28.65
C THR B 91 31.87 -7.84 27.16
N PHE B 92 30.69 -7.61 26.61
CA PHE B 92 30.43 -7.89 25.20
C PHE B 92 30.58 -6.63 24.37
N ASN B 93 31.58 -6.62 23.50
CA ASN B 93 31.85 -5.47 22.66
C ASN B 93 31.82 -5.79 21.17
N GLY B 94 30.64 -6.16 20.69
CA GLY B 94 30.49 -6.49 19.28
C GLY B 94 31.18 -7.80 18.94
N SER B 95 32.21 -7.74 18.10
CA SER B 95 32.96 -8.95 17.74
C SER B 95 34.01 -9.24 18.79
N HIS B 96 34.18 -8.32 19.74
CA HIS B 96 35.19 -8.50 20.80
C HIS B 96 34.54 -8.80 22.16
N ILE B 97 35.01 -9.83 22.85
CA ILE B 97 34.46 -10.17 24.15
C ILE B 97 35.62 -10.18 25.15
N HIS B 98 35.45 -9.44 26.23
CA HIS B 98 36.46 -9.28 27.27
C HIS B 98 36.11 -10.02 28.56
N PHE B 99 37.04 -10.78 29.11
CA PHE B 99 36.82 -11.50 30.36
C PHE B 99 37.81 -10.98 31.39
N GLU B 100 37.29 -10.57 32.55
CA GLU B 100 38.13 -10.07 33.63
C GLU B 100 37.87 -10.82 34.93
N PHE B 101 38.95 -11.20 35.62
CA PHE B 101 38.82 -11.90 36.89
C PHE B 101 38.44 -10.87 37.94
N MET B 102 37.56 -11.27 38.86
CA MET B 102 37.10 -10.39 39.92
C MET B 102 37.76 -10.77 41.25
N GLU B 103 37.62 -9.89 42.24
CA GLU B 103 38.21 -10.08 43.55
C GLU B 103 38.09 -11.46 44.20
N ASP B 104 36.92 -12.07 44.13
CA ASP B 104 36.70 -13.37 44.76
C ASP B 104 37.54 -14.52 44.23
N VAL B 105 38.21 -14.33 43.10
CA VAL B 105 39.03 -15.40 42.55
C VAL B 105 40.15 -15.77 43.51
N LEU B 106 40.59 -14.80 44.30
CA LEU B 106 41.67 -15.00 45.27
C LEU B 106 41.34 -16.08 46.31
N GLN B 107 40.07 -16.41 46.45
CA GLN B 107 39.61 -17.42 47.41
C GLN B 107 39.85 -18.86 46.95
N LEU B 108 40.13 -19.04 45.67
CA LEU B 108 40.30 -20.38 45.12
C LEU B 108 41.74 -20.89 45.09
N GLU B 109 41.90 -22.17 45.40
CA GLU B 109 43.20 -22.83 45.41
C GLU B 109 43.55 -23.16 43.96
N ASN B 110 42.57 -23.67 43.23
CA ASN B 110 42.74 -23.99 41.81
C ASN B 110 41.54 -23.38 41.09
N VAL B 111 41.74 -23.02 39.82
CA VAL B 111 40.66 -22.40 39.06
C VAL B 111 40.41 -23.03 37.71
N THR B 112 39.14 -23.25 37.41
CA THR B 112 38.72 -23.80 36.13
C THR B 112 37.53 -22.94 35.72
N GLY B 113 37.27 -22.87 34.42
CA GLY B 113 36.16 -22.06 33.96
C GLY B 113 35.68 -22.49 32.61
N THR B 114 34.44 -22.15 32.30
CA THR B 114 33.84 -22.47 31.02
C THR B 114 33.10 -21.24 30.55
N ILE B 115 33.01 -21.11 29.23
CA ILE B 115 32.31 -19.99 28.62
C ILE B 115 31.58 -20.53 27.42
N ASN B 116 30.28 -20.29 27.37
CA ASN B 116 29.49 -20.72 26.23
C ASN B 116 28.99 -19.42 25.63
N LEU B 117 29.65 -19.00 24.56
CA LEU B 117 29.34 -17.76 23.87
C LEU B 117 28.41 -17.95 22.68
N LYS B 118 27.45 -17.04 22.55
CA LYS B 118 26.50 -17.08 21.46
C LYS B 118 26.79 -15.88 20.56
N SER B 119 26.80 -16.11 19.26
CA SER B 119 27.05 -15.04 18.30
C SER B 119 26.10 -15.12 17.14
N VAL B 120 25.99 -14.00 16.42
CA VAL B 120 25.12 -13.89 15.26
C VAL B 120 26.00 -13.32 14.16
N TYR B 121 25.68 -13.61 12.90
CA TYR B 121 26.50 -13.10 11.82
C TYR B 121 25.74 -12.12 10.92
N ASP B 122 26.48 -11.15 10.39
CA ASP B 122 25.93 -10.17 9.48
C ASP B 122 26.60 -10.43 8.14
N ASN B 123 25.87 -10.21 7.05
CA ASN B 123 26.41 -10.43 5.71
C ASN B 123 26.08 -9.25 4.82
N ALA B 124 27.11 -8.52 4.40
CA ALA B 124 26.95 -7.34 3.55
C ALA B 124 26.92 -7.63 2.03
N TYR B 125 27.05 -8.90 1.66
CA TYR B 125 27.05 -9.30 0.25
C TYR B 125 25.66 -9.34 -0.38
N ARG B 126 25.55 -8.85 -1.62
CA ARG B 126 24.28 -8.81 -2.34
C ARG B 126 24.26 -9.46 -3.74
N GLY B 127 25.42 -9.70 -4.32
CA GLY B 127 25.48 -10.29 -5.66
C GLY B 127 24.57 -11.44 -6.08
N GLU B 128 24.35 -11.54 -7.39
CA GLU B 128 23.52 -12.56 -8.01
C GLU B 128 24.02 -13.97 -7.68
N ASP B 129 25.35 -14.15 -7.67
CA ASP B 129 25.98 -15.43 -7.39
C ASP B 129 26.03 -15.79 -5.90
N ASP B 130 25.77 -17.05 -5.61
CA ASP B 130 25.83 -17.59 -4.26
C ASP B 130 27.32 -17.80 -4.02
N LYS B 131 27.84 -17.35 -2.89
CA LYS B 131 29.25 -17.54 -2.58
C LYS B 131 29.29 -18.02 -1.14
N ILE B 132 30.39 -18.63 -0.75
CA ILE B 132 30.55 -19.16 0.61
C ILE B 132 31.67 -18.45 1.35
N ALA B 133 31.44 -18.10 2.61
CA ALA B 133 32.47 -17.44 3.39
C ALA B 133 33.11 -18.43 4.34
N GLU B 134 34.44 -18.53 4.29
CA GLU B 134 35.17 -19.43 5.17
C GLU B 134 35.80 -18.59 6.27
N LEU B 135 35.35 -18.84 7.50
CA LEU B 135 35.84 -18.10 8.64
C LEU B 135 36.47 -18.97 9.73
N PRO B 136 37.57 -19.67 9.40
CA PRO B 136 38.23 -20.52 10.38
C PRO B 136 38.67 -19.62 11.54
N THR B 137 38.53 -20.10 12.77
CA THR B 137 38.85 -19.27 13.91
C THR B 137 39.29 -20.02 15.14
N ASN B 138 40.00 -19.33 16.01
CA ASN B 138 40.43 -19.87 17.30
C ASN B 138 40.15 -18.77 18.32
N LEU B 139 39.22 -17.88 17.95
CA LEU B 139 38.82 -16.74 18.79
C LEU B 139 39.94 -15.80 19.16
N GLY B 140 41.04 -15.86 18.42
CA GLY B 140 42.17 -15.00 18.70
C GLY B 140 43.07 -15.57 19.78
N LEU B 141 42.76 -16.78 20.22
CA LEU B 141 43.55 -17.45 21.26
C LEU B 141 44.65 -18.24 20.56
N GLY B 142 45.82 -17.62 20.45
CA GLY B 142 46.94 -18.21 19.76
C GLY B 142 47.39 -19.62 20.12
N SER B 143 47.02 -20.09 21.31
CA SER B 143 47.41 -21.42 21.74
C SER B 143 46.56 -22.52 21.12
N LEU B 144 45.40 -22.14 20.60
CA LEU B 144 44.45 -23.09 20.02
C LEU B 144 44.49 -23.20 18.51
N ASP B 145 44.20 -24.42 18.02
CA ASP B 145 44.14 -24.68 16.59
C ASP B 145 42.81 -24.13 16.12
N LYS B 146 42.76 -23.62 14.90
CA LYS B 146 41.53 -23.07 14.37
C LYS B 146 40.54 -24.13 13.92
N GLN B 147 39.26 -23.78 13.97
CA GLN B 147 38.19 -24.67 13.54
C GLN B 147 37.44 -23.94 12.45
N MET B 148 37.11 -24.65 11.38
CA MET B 148 36.41 -24.05 10.27
C MET B 148 34.95 -23.71 10.54
N ILE B 149 34.52 -22.57 10.01
CA ILE B 149 33.14 -22.10 10.10
C ILE B 149 32.85 -21.73 8.65
N THR B 150 31.74 -22.20 8.13
CA THR B 150 31.38 -21.90 6.76
C THR B 150 29.97 -21.29 6.74
N ILE B 151 29.85 -20.11 6.13
CA ILE B 151 28.60 -19.39 6.06
C ILE B 151 28.19 -19.07 4.64
N SER B 152 27.00 -19.52 4.28
CA SER B 152 26.48 -19.27 2.94
C SER B 152 26.07 -17.82 2.76
N GLN B 153 26.44 -17.25 1.61
CA GLN B 153 26.07 -15.88 1.26
C GLN B 153 25.27 -16.00 -0.02
N PRO B 154 23.96 -16.16 0.12
CA PRO B 154 23.05 -16.31 -1.00
C PRO B 154 23.12 -15.12 -1.95
N GLY B 155 22.84 -15.39 -3.22
CA GLY B 155 22.84 -14.35 -4.22
C GLY B 155 21.52 -13.59 -4.20
N THR B 156 21.57 -12.36 -4.70
CA THR B 156 20.38 -11.52 -4.76
C THR B 156 20.05 -11.15 -6.19
N PRO B 162 5.64 -12.38 -5.42
CA PRO B 162 4.91 -12.86 -4.25
C PRO B 162 5.04 -14.37 -4.11
N SER B 163 5.04 -14.86 -2.86
CA SER B 163 5.17 -16.29 -2.59
C SER B 163 3.82 -17.00 -2.68
N PRO B 164 3.82 -18.27 -3.14
CA PRO B 164 2.61 -19.08 -3.28
C PRO B 164 2.17 -19.80 -2.01
N ILE B 165 2.97 -19.71 -0.95
CA ILE B 165 2.63 -20.37 0.31
C ILE B 165 1.63 -19.54 1.12
N PHE B 166 0.45 -20.10 1.35
CA PHE B 166 -0.62 -19.40 2.06
C PHE B 166 -0.29 -19.03 3.51
N TYR B 167 0.41 -19.91 4.21
CA TYR B 167 0.73 -19.62 5.60
C TYR B 167 1.99 -20.28 6.12
N TRP B 168 2.79 -19.49 6.84
CA TRP B 168 4.00 -20.00 7.46
C TRP B 168 4.39 -18.98 8.51
N LYS B 169 5.11 -19.44 9.53
CA LYS B 169 5.55 -18.53 10.58
C LYS B 169 7.04 -18.67 10.78
N THR B 170 7.65 -17.62 11.31
CA THR B 170 9.08 -17.62 11.55
C THR B 170 9.34 -16.89 12.86
N GLY B 171 10.56 -17.00 13.36
CA GLY B 171 10.93 -16.33 14.59
C GLY B 171 12.43 -16.24 14.66
N THR B 172 12.93 -15.29 15.43
CA THR B 172 14.37 -15.09 15.57
C THR B 172 14.66 -14.24 16.80
N PHE B 173 15.91 -13.83 16.95
CA PHE B 173 16.33 -13.01 18.09
C PHE B 173 15.89 -11.58 17.95
N SER B 174 15.57 -10.96 19.08
CA SER B 174 15.19 -9.55 19.07
C SER B 174 16.47 -8.77 18.89
N THR B 175 16.39 -7.64 18.19
CA THR B 175 17.57 -6.82 17.98
C THR B 175 17.53 -5.62 18.93
N GLU B 176 16.52 -5.59 19.79
CA GLU B 176 16.34 -4.49 20.73
C GLU B 176 16.40 -4.91 22.19
N VAL B 177 15.90 -6.11 22.49
CA VAL B 177 15.85 -6.57 23.88
C VAL B 177 16.46 -7.94 24.09
N HIS B 178 17.49 -7.99 24.94
CA HIS B 178 18.17 -9.24 25.25
C HIS B 178 17.20 -10.17 25.98
N GLY B 179 17.01 -11.36 25.43
CA GLY B 179 16.11 -12.32 26.04
C GLY B 179 14.76 -12.38 25.34
N ASP B 180 14.51 -11.42 24.46
CA ASP B 180 13.26 -11.36 23.70
C ASP B 180 13.45 -11.99 22.33
N MET B 181 12.34 -12.38 21.72
CA MET B 181 12.35 -12.97 20.38
C MET B 181 11.23 -12.32 19.58
N ASN B 182 11.43 -12.19 18.27
CA ASN B 182 10.44 -11.59 17.39
C ASN B 182 9.85 -12.71 16.54
N TRP B 183 8.54 -12.64 16.28
CA TRP B 183 7.85 -13.65 15.51
C TRP B 183 6.99 -13.05 14.39
N TRP B 184 6.76 -13.85 13.34
CA TRP B 184 5.96 -13.44 12.19
C TRP B 184 4.97 -14.51 11.79
N LEU B 185 3.72 -14.12 11.55
CA LEU B 185 2.69 -15.03 11.07
C LEU B 185 2.34 -14.47 9.69
N ASN B 186 2.73 -15.19 8.64
CA ASN B 186 2.50 -14.75 7.26
C ASN B 186 1.23 -15.39 6.69
N ILE B 187 0.17 -14.61 6.62
CA ILE B 187 -1.12 -15.09 6.16
C ILE B 187 -1.55 -14.57 4.78
N ASN B 188 -1.84 -15.51 3.89
CA ASN B 188 -2.29 -15.21 2.53
C ASN B 188 -1.35 -14.39 1.66
N SER B 189 -0.08 -14.80 1.58
CA SER B 189 0.87 -14.09 0.73
C SER B 189 0.42 -14.11 -0.73
N PRO B 190 -0.20 -15.23 -1.18
CA PRO B 190 -0.66 -15.34 -2.57
C PRO B 190 -1.84 -14.43 -2.90
N LYS B 191 -2.46 -13.88 -1.87
CA LYS B 191 -3.62 -13.01 -2.02
C LYS B 191 -4.77 -13.73 -2.71
N GLU B 192 -5.13 -14.88 -2.15
CA GLU B 192 -6.22 -15.70 -2.64
C GLU B 192 -7.55 -15.10 -2.21
N ALA B 193 -8.61 -15.47 -2.91
CA ALA B 193 -9.95 -15.04 -2.56
C ALA B 193 -10.51 -16.26 -1.83
N VAL B 194 -10.08 -16.44 -0.59
CA VAL B 194 -10.51 -17.57 0.23
C VAL B 194 -12.02 -17.69 0.28
N GLN B 195 -12.51 -18.92 0.48
CA GLN B 195 -13.95 -19.14 0.51
C GLN B 195 -14.53 -19.39 1.89
N SER B 196 -13.87 -18.86 2.92
CA SER B 196 -14.37 -18.99 4.29
C SER B 196 -13.52 -18.09 5.17
N ASP B 197 -13.89 -18.00 6.45
CA ASP B 197 -13.12 -17.21 7.39
C ASP B 197 -11.81 -17.95 7.56
N VAL B 198 -10.76 -17.22 7.92
CA VAL B 198 -9.44 -17.82 8.14
C VAL B 198 -9.21 -17.81 9.65
N LYS B 199 -8.69 -18.89 10.19
CA LYS B 199 -8.43 -18.94 11.62
C LYS B 199 -7.11 -19.61 11.94
N VAL B 200 -6.30 -18.93 12.74
CA VAL B 200 -5.00 -19.44 13.16
C VAL B 200 -4.97 -19.50 14.68
N ILE B 201 -4.56 -20.65 15.22
CA ILE B 201 -4.44 -20.79 16.68
C ILE B 201 -2.96 -21.03 16.93
N ASP B 202 -2.31 -20.03 17.53
CA ASP B 202 -0.89 -20.08 17.81
C ASP B 202 -0.64 -20.34 19.30
N THR B 203 0.11 -21.39 19.60
CA THR B 203 0.42 -21.70 20.98
C THR B 203 1.90 -21.47 21.25
N ILE B 204 2.19 -20.44 22.05
CA ILE B 204 3.55 -20.11 22.41
C ILE B 204 4.02 -21.20 23.36
N GLY B 205 5.18 -21.78 23.06
CA GLY B 205 5.68 -22.87 23.87
C GLY B 205 6.22 -22.56 25.25
N GLU B 206 6.81 -23.59 25.85
CA GLU B 206 7.39 -23.49 27.18
C GLU B 206 8.57 -22.53 27.28
N GLY B 207 8.75 -21.95 28.46
CA GLY B 207 9.90 -21.08 28.67
C GLY B 207 9.84 -19.61 28.27
N HIS B 208 8.82 -19.21 27.51
CA HIS B 208 8.70 -17.82 27.12
C HIS B 208 7.24 -17.42 27.02
N LYS B 209 6.98 -16.12 27.16
CA LYS B 209 5.62 -15.57 27.13
C LYS B 209 5.52 -14.38 26.19
N LEU B 210 4.31 -14.10 25.74
CA LEU B 210 4.06 -12.96 24.89
C LEU B 210 4.40 -11.69 25.66
N VAL B 211 4.97 -10.71 24.97
CA VAL B 211 5.28 -9.45 25.59
C VAL B 211 4.04 -8.58 25.40
N ASP B 212 3.44 -8.14 26.51
CA ASP B 212 2.23 -7.33 26.45
C ASP B 212 2.35 -6.13 25.51
N GLY B 213 1.34 -5.99 24.65
CA GLY B 213 1.29 -4.89 23.71
C GLY B 213 2.17 -4.92 22.48
N SER B 214 2.86 -6.03 22.22
CA SER B 214 3.76 -6.10 21.07
C SER B 214 3.15 -6.59 19.75
N ILE B 215 1.87 -6.93 19.75
CA ILE B 215 1.25 -7.42 18.52
C ILE B 215 0.92 -6.31 17.53
N MET B 216 1.47 -6.42 16.33
CA MET B 216 1.23 -5.45 15.28
C MET B 216 0.90 -6.24 14.01
N VAL B 217 0.32 -5.58 13.01
CA VAL B 217 -0.05 -6.27 11.79
C VAL B 217 0.25 -5.48 10.53
N ASP B 218 0.85 -6.14 9.54
CA ASP B 218 1.13 -5.50 8.26
C ASP B 218 -0.02 -5.91 7.36
N VAL B 219 -0.64 -4.96 6.69
CA VAL B 219 -1.77 -5.27 5.82
C VAL B 219 -1.44 -4.82 4.41
N GLU B 220 -1.43 -5.76 3.47
CA GLU B 220 -1.12 -5.39 2.10
C GLU B 220 -2.21 -5.83 1.13
N ALA B 221 -2.65 -4.87 0.33
CA ALA B 221 -3.68 -5.18 -0.65
C ALA B 221 -3.90 -4.06 -1.64
N ASN B 222 -4.41 -4.44 -2.80
CA ASN B 222 -4.65 -3.52 -3.87
C ASN B 222 -3.63 -2.37 -3.94
N GLY B 223 -2.35 -2.72 -4.08
CA GLY B 223 -1.31 -1.70 -4.22
C GLY B 223 -0.45 -1.31 -3.02
N GLU B 224 -1.05 -1.12 -1.85
CA GLU B 224 -0.24 -0.67 -0.72
C GLU B 224 0.07 -1.67 0.39
N LEU B 225 0.85 -1.18 1.34
CA LEU B 225 1.25 -1.89 2.55
C LEU B 225 1.16 -0.88 3.68
N LYS B 226 0.45 -1.28 4.71
CA LYS B 226 0.29 -0.45 5.87
C LYS B 226 0.72 -1.27 7.07
N HIS B 227 1.45 -0.63 7.95
CA HIS B 227 1.91 -1.27 9.17
C HIS B 227 0.99 -0.74 10.27
N ILE B 228 -0.01 -1.53 10.66
CA ILE B 228 -0.94 -1.11 11.70
C ILE B 228 -0.79 -1.87 13.01
N SER B 229 -1.60 -1.49 13.99
CA SER B 229 -1.57 -2.11 15.32
C SER B 229 -2.64 -3.17 15.49
N ALA B 230 -2.54 -3.93 16.57
CA ALA B 230 -3.51 -4.98 16.86
C ALA B 230 -4.90 -4.40 17.04
N GLU B 231 -5.00 -3.30 17.79
CA GLU B 231 -6.29 -2.65 18.01
C GLU B 231 -6.90 -2.20 16.69
N ALA B 232 -6.08 -1.64 15.80
CA ALA B 232 -6.55 -1.18 14.51
C ALA B 232 -7.07 -2.36 13.71
N PHE B 233 -6.30 -3.44 13.70
CA PHE B 233 -6.67 -4.65 12.99
C PHE B 233 -8.01 -5.17 13.52
N ASN B 234 -8.18 -5.10 14.84
CA ASN B 234 -9.39 -5.58 15.48
C ASN B 234 -10.63 -4.75 15.17
N LYS B 235 -10.42 -3.52 14.72
CA LYS B 235 -11.55 -2.64 14.38
C LYS B 235 -11.78 -2.64 12.87
N GLU B 236 -10.76 -2.99 12.11
CA GLU B 236 -10.83 -2.97 10.65
C GLU B 236 -10.84 -4.30 9.90
N TYR B 237 -10.03 -5.26 10.31
CA TYR B 237 -9.98 -6.52 9.56
C TYR B 237 -10.44 -7.81 10.19
N GLY B 238 -10.26 -7.96 11.50
CA GLY B 238 -10.68 -9.19 12.14
C GLY B 238 -10.53 -9.13 13.64
N THR B 239 -10.14 -10.25 14.24
CA THR B 239 -9.97 -10.29 15.67
C THR B 239 -8.75 -11.10 16.08
N ILE B 240 -7.95 -10.52 16.98
CA ILE B 240 -6.76 -11.18 17.51
C ILE B 240 -6.99 -11.25 19.00
N THR B 241 -6.94 -12.45 19.56
CA THR B 241 -7.13 -12.62 20.99
C THR B 241 -5.90 -13.27 21.60
N VAL B 242 -5.71 -13.03 22.89
CA VAL B 242 -4.58 -13.62 23.60
C VAL B 242 -5.08 -14.11 24.94
N GLU B 243 -4.88 -15.39 25.21
CA GLU B 243 -5.26 -16.01 26.46
C GLU B 243 -4.07 -16.86 26.88
N GLY B 244 -3.27 -16.33 27.81
CA GLY B 244 -2.11 -17.07 28.27
C GLY B 244 -1.10 -17.27 27.15
N GLN B 245 -0.86 -18.51 26.78
CA GLN B 245 0.11 -18.83 25.72
C GLN B 245 -0.55 -18.91 24.35
N VAL B 246 -1.87 -18.81 24.31
CA VAL B 246 -2.59 -18.94 23.04
C VAL B 246 -2.99 -17.62 22.37
N LEU B 247 -2.44 -17.39 21.19
CA LEU B 247 -2.74 -16.19 20.41
C LEU B 247 -3.54 -16.69 19.22
N THR B 248 -4.76 -16.18 19.08
CA THR B 248 -5.64 -16.59 18.01
C THR B 248 -5.91 -15.43 17.04
N VAL B 249 -5.91 -15.73 15.75
CA VAL B 249 -6.15 -14.72 14.74
C VAL B 249 -7.31 -15.19 13.87
N MET B 250 -8.34 -14.36 13.78
CA MET B 250 -9.52 -14.70 13.00
C MET B 250 -9.80 -13.59 11.99
N ILE B 251 -9.84 -13.96 10.71
CA ILE B 251 -10.10 -12.99 9.65
C ILE B 251 -11.30 -13.39 8.81
N PRO B 252 -12.38 -12.59 8.87
CA PRO B 252 -13.59 -12.87 8.09
C PRO B 252 -13.27 -13.03 6.61
N LYS B 253 -14.03 -13.89 5.95
CA LYS B 253 -13.84 -14.15 4.52
C LYS B 253 -13.62 -12.91 3.67
N GLU B 254 -14.54 -11.95 3.74
CA GLU B 254 -14.42 -10.74 2.92
C GLU B 254 -13.25 -9.80 3.27
N LYS B 255 -12.71 -9.95 4.47
CA LYS B 255 -11.59 -9.12 4.90
C LYS B 255 -10.28 -9.79 4.47
N ALA B 256 -10.32 -11.12 4.39
CA ALA B 256 -9.15 -11.90 4.02
C ALA B 256 -8.91 -11.91 2.51
N ALA B 257 -9.99 -11.76 1.74
CA ALA B 257 -9.90 -11.77 0.27
C ALA B 257 -8.79 -10.91 -0.32
N LYS B 258 -7.95 -11.54 -1.12
CA LYS B 258 -6.85 -10.87 -1.82
C LYS B 258 -6.03 -9.91 -0.95
N THR B 259 -5.88 -10.24 0.33
CA THR B 259 -5.12 -9.41 1.25
C THR B 259 -4.12 -10.23 2.04
N THR B 260 -2.88 -9.74 2.11
CA THR B 260 -1.84 -10.43 2.87
C THR B 260 -1.74 -9.82 4.25
N PHE B 261 -1.73 -10.66 5.28
CA PHE B 261 -1.65 -10.20 6.65
C PHE B 261 -0.38 -10.71 7.31
N THR B 262 0.43 -9.81 7.83
CA THR B 262 1.65 -10.21 8.51
C THR B 262 1.51 -9.85 9.98
N VAL B 263 1.22 -10.85 10.81
CA VAL B 263 1.06 -10.61 12.24
C VAL B 263 2.40 -10.77 12.94
N THR B 264 2.82 -9.74 13.67
CA THR B 264 4.09 -9.78 14.36
C THR B 264 3.88 -9.56 15.85
N TYR B 265 4.76 -10.16 16.66
CA TYR B 265 4.69 -10.01 18.10
C TYR B 265 6.00 -10.48 18.71
N ASP B 266 6.21 -10.15 19.99
CA ASP B 266 7.42 -10.56 20.67
C ASP B 266 7.13 -11.49 21.83
N THR B 267 8.11 -12.31 22.20
CA THR B 267 7.98 -13.17 23.36
C THR B 267 9.23 -12.90 24.19
N ARG B 268 9.15 -13.25 25.47
CA ARG B 268 10.25 -13.01 26.39
C ARG B 268 10.56 -14.28 27.15
N ALA B 269 11.80 -14.72 27.09
CA ALA B 269 12.18 -15.95 27.79
C ALA B 269 12.25 -15.72 29.29
N PHE B 270 11.89 -16.75 30.06
CA PHE B 270 11.96 -16.67 31.52
C PHE B 270 12.66 -17.94 32.03
N ASP B 271 12.75 -18.94 31.18
CA ASP B 271 13.45 -20.18 31.54
C ASP B 271 14.71 -20.20 30.69
N LYS B 272 15.82 -19.72 31.26
CA LYS B 272 17.09 -19.67 30.54
C LYS B 272 17.75 -21.00 30.24
N LYS B 273 17.26 -22.08 30.84
CA LYS B 273 17.86 -23.39 30.64
C LYS B 273 17.30 -24.21 29.48
N LEU B 274 16.29 -23.71 28.79
CA LEU B 274 15.70 -24.42 27.65
C LEU B 274 16.60 -24.31 26.42
N GLU B 275 16.78 -25.43 25.73
CA GLU B 275 17.61 -25.46 24.53
C GLU B 275 17.02 -24.64 23.39
N ASN B 276 15.69 -24.65 23.29
CA ASN B 276 14.99 -23.93 22.23
C ASN B 276 13.67 -23.39 22.77
N TYR B 277 13.21 -22.29 22.19
CA TYR B 277 11.94 -21.68 22.57
C TYR B 277 11.04 -21.92 21.37
N LYS B 278 10.06 -22.80 21.53
CA LYS B 278 9.18 -23.19 20.44
C LYS B 278 7.87 -22.43 20.33
N ASN B 279 7.28 -22.52 19.14
CA ASN B 279 6.00 -21.90 18.87
C ASN B 279 5.34 -22.81 17.85
N SER B 280 4.09 -23.20 18.12
CA SER B 280 3.37 -24.08 17.21
C SER B 280 2.04 -23.43 16.88
N SER B 281 1.57 -23.64 15.65
CA SER B 281 0.30 -23.06 15.27
C SER B 281 -0.45 -23.96 14.32
N THR B 282 -1.76 -23.75 14.21
CA THR B 282 -2.58 -24.52 13.29
C THR B 282 -3.45 -23.52 12.55
N ILE B 283 -3.82 -23.84 11.32
CA ILE B 283 -4.65 -22.93 10.54
C ILE B 283 -5.73 -23.70 9.81
N GLU B 284 -6.88 -23.06 9.61
CA GLU B 284 -7.96 -23.69 8.87
C GLU B 284 -8.69 -22.63 8.06
N TYR B 285 -9.08 -23.01 6.85
CA TYR B 285 -9.79 -22.13 5.94
C TYR B 285 -10.07 -22.92 4.67
N LYS B 286 -10.95 -22.39 3.83
CA LYS B 286 -11.26 -23.01 2.54
C LYS B 286 -10.52 -22.13 1.55
N ASP B 287 -9.68 -22.75 0.71
CA ASP B 287 -8.91 -21.98 -0.25
C ASP B 287 -9.78 -21.36 -1.34
N GLU B 288 -9.13 -20.72 -2.31
CA GLU B 288 -9.84 -20.04 -3.39
C GLU B 288 -10.68 -20.95 -4.29
N SER B 289 -10.41 -22.24 -4.26
CA SER B 289 -11.16 -23.18 -5.08
C SER B 289 -12.31 -23.80 -4.28
N GLY B 290 -12.45 -23.36 -3.03
CA GLY B 290 -13.52 -23.84 -2.17
C GLY B 290 -13.21 -25.07 -1.33
N ASN B 291 -11.97 -25.54 -1.36
CA ASN B 291 -11.60 -26.73 -0.59
C ASN B 291 -10.96 -26.44 0.77
N LEU B 292 -11.41 -27.17 1.79
CA LEU B 292 -10.90 -27.01 3.15
C LEU B 292 -9.42 -27.41 3.22
N VAL B 293 -8.63 -26.62 3.93
CA VAL B 293 -7.22 -26.91 4.10
C VAL B 293 -6.99 -27.23 5.56
N THR B 294 -6.67 -28.48 5.85
CA THR B 294 -6.47 -28.92 7.22
C THR B 294 -5.15 -29.64 7.44
N ASP B 295 -4.36 -29.77 6.38
CA ASP B 295 -3.09 -30.50 6.44
C ASP B 295 -1.82 -29.66 6.25
N THR B 296 -1.89 -28.37 6.56
CA THR B 296 -0.70 -27.53 6.39
C THR B 296 0.46 -28.14 7.18
N PRO B 297 1.59 -28.37 6.49
CA PRO B 297 2.79 -28.95 7.12
C PRO B 297 3.28 -28.21 8.35
N LYS B 298 3.75 -28.98 9.34
CA LYS B 298 4.27 -28.41 10.56
C LYS B 298 5.53 -27.60 10.34
N HIS B 299 6.30 -27.90 9.29
CA HIS B 299 7.52 -27.15 9.08
C HIS B 299 7.19 -25.71 8.69
N TYR B 300 5.95 -25.46 8.30
CA TYR B 300 5.49 -24.12 7.96
C TYR B 300 4.82 -23.44 9.17
N THR B 301 3.99 -24.21 9.88
CA THR B 301 3.24 -23.69 11.02
C THR B 301 3.96 -23.66 12.37
N ASP B 302 5.00 -24.47 12.50
CA ASP B 302 5.74 -24.54 13.76
C ASP B 302 7.20 -24.14 13.53
N THR B 303 7.78 -23.49 14.53
CA THR B 303 9.18 -23.12 14.42
C THR B 303 9.76 -22.87 15.81
N SER B 304 11.03 -22.50 15.87
CA SER B 304 11.65 -22.25 17.16
C SER B 304 12.88 -21.37 17.04
N VAL B 305 13.34 -20.91 18.19
CA VAL B 305 14.52 -20.07 18.28
C VAL B 305 15.46 -20.71 19.29
N VAL B 306 16.71 -20.90 18.87
CA VAL B 306 17.72 -21.52 19.72
C VAL B 306 18.06 -20.60 20.89
N ASN B 307 18.31 -21.20 22.05
CA ASN B 307 18.66 -20.44 23.25
C ASN B 307 19.73 -19.41 22.90
N MET B 308 19.43 -18.13 23.17
CA MET B 308 20.32 -17.02 22.84
C MET B 308 21.16 -16.50 24.00
N PHE B 309 21.14 -17.20 25.13
CA PHE B 309 21.88 -16.74 26.30
C PHE B 309 23.33 -17.21 26.44
N ASP B 310 24.20 -16.26 26.78
CA ASP B 310 25.61 -16.55 26.98
C ASP B 310 25.62 -17.08 28.41
N ASP B 311 26.53 -18.01 28.68
CA ASP B 311 26.62 -18.53 30.03
C ASP B 311 28.09 -18.82 30.32
N ALA B 312 28.45 -18.80 31.60
CA ALA B 312 29.82 -19.05 31.98
C ALA B 312 29.91 -19.24 33.48
N THR B 313 30.80 -20.13 33.90
CA THR B 313 30.99 -20.39 35.32
C THR B 313 32.47 -20.61 35.57
N ILE B 314 32.87 -20.51 36.83
CA ILE B 314 34.25 -20.73 37.22
C ILE B 314 34.20 -21.64 38.43
N GLY B 315 35.01 -22.68 38.44
CA GLY B 315 34.99 -23.59 39.58
C GLY B 315 36.35 -23.79 40.18
N GLY B 316 36.42 -24.64 41.20
CA GLY B 316 37.69 -24.91 41.84
C GLY B 316 37.58 -25.06 43.35
N GLU B 317 38.58 -25.74 43.92
CA GLU B 317 38.62 -25.97 45.36
C GLU B 317 38.91 -24.66 46.10
N MET B 318 38.29 -24.48 47.26
CA MET B 318 38.50 -23.29 48.06
C MET B 318 39.84 -23.33 48.79
N LYS B 319 40.51 -22.19 48.88
CA LYS B 319 41.79 -22.10 49.58
C LYS B 319 41.52 -22.58 51.01
N ASP B 320 42.50 -23.26 51.61
CA ASP B 320 42.31 -23.80 52.96
C ASP B 320 42.70 -22.87 54.11
N LYS B 321 42.46 -23.34 55.34
CA LYS B 321 42.76 -22.64 56.60
C LYS B 321 41.59 -21.83 57.13
#